data_8IPM
#
_entry.id   8IPM
#
_cell.length_a   71.220
_cell.length_b   134.111
_cell.length_c   93.026
_cell.angle_alpha   90.00
_cell.angle_beta   90.00
_cell.angle_gamma   90.00
#
_symmetry.space_group_name_H-M   'C 2 2 21'
#
loop_
_entity.id
_entity.type
_entity.pdbx_description
1 polymer 'Putative ribosome-binding factor A, mitochondrial'
2 polymer '12S rRNA N4-methylcytidine (m4C) methyltransferase'
3 polymer "RNA (5'-R(*CP*GP*AP*CP*CP*GP*CP*CP*CP*GP*UP*AP*AP*CP*GP*GP*UP*CP*G)-3')"
4 non-polymer SINEFUNGIN
#
loop_
_entity_poly.entity_id
_entity_poly.type
_entity_poly.pdbx_seq_one_letter_code
_entity_poly.pdbx_strand_id
1 'polypeptide(L)' TTEPTTSSSLCGIDHEALNKQIMEYKRRKDKGLG C
2 'polypeptide(L)'
;KLHIPVMVDEVVHCLSPQKGQIFLDMTFGSGGHTKAILQKESDIVLYALDRDPTAYALAEHLSELYPKQIRAMLGQFSQA
EALLMKAGVQPGTFDGVLMDLGCSSMQLDTPERGFSLRKDGPLDMRMDGGRYPDMPTAADVVNALDQQALASILRTYGEE
KHAKKIASAIVQARSIYPITRTQQLASIVAGAFPPSAIYTRKDLLQRSTHIATKTFQALRIFVNNELNELYTGLKTAQKF
LRPGGRLVALSFHSLEDRIVKRFLLGISMTERFNLSVRQQVMKTSQLGSDHENTEEVSMRRAPLMWELIHKKVLSPQDQD
VQDNPRGRSAKLRAAIKL
;
D
3 'polyribonucleotide' CGACCGCCCGUAACGGUCG A
#
loop_
_chem_comp.id
_chem_comp.type
_chem_comp.name
_chem_comp.formula
A RNA linking ADENOSINE-5'-MONOPHOSPHATE 'C10 H14 N5 O7 P'
C RNA linking CYTIDINE-5'-MONOPHOSPHATE 'C9 H14 N3 O8 P'
G RNA linking GUANOSINE-5'-MONOPHOSPHATE 'C10 H14 N5 O8 P'
SFG non-polymer SINEFUNGIN 'C15 H23 N7 O5'
U RNA linking URIDINE-5'-MONOPHOSPHATE 'C9 H13 N2 O9 P'
#
# COMPACT_ATOMS: atom_id res chain seq x y z
N LEU A 10 12.63 -8.95 -2.10
CA LEU A 10 12.47 -10.04 -3.05
C LEU A 10 11.23 -10.87 -2.71
N CYS A 11 11.19 -11.43 -1.50
CA CYS A 11 10.06 -12.22 -1.03
C CYS A 11 9.72 -13.37 -1.96
N GLY A 12 10.70 -13.88 -2.69
CA GLY A 12 10.48 -15.11 -3.42
C GLY A 12 9.95 -14.90 -4.83
N ILE A 13 8.94 -14.05 -4.98
CA ILE A 13 8.27 -13.86 -6.26
C ILE A 13 8.90 -12.71 -7.01
N ASP A 14 9.29 -12.96 -8.26
CA ASP A 14 9.84 -11.92 -9.12
C ASP A 14 8.68 -11.13 -9.73
N HIS A 15 8.87 -9.81 -9.82
CA HIS A 15 7.88 -8.93 -10.41
C HIS A 15 8.16 -8.61 -11.87
N GLU A 16 9.43 -8.43 -12.23
CA GLU A 16 9.76 -8.14 -13.63
C GLU A 16 9.55 -9.37 -14.51
N ALA A 17 9.81 -10.56 -13.97
CA ALA A 17 9.60 -11.78 -14.75
C ALA A 17 8.11 -12.01 -14.99
N LEU A 18 7.29 -11.86 -13.95
CA LEU A 18 5.85 -12.01 -14.11
C LEU A 18 5.22 -10.85 -14.86
N ASN A 19 5.90 -9.71 -14.94
CA ASN A 19 5.33 -8.56 -15.64
C ASN A 19 5.27 -8.81 -17.14
N LYS A 20 6.40 -9.21 -17.74
CA LYS A 20 6.43 -9.45 -19.18
C LYS A 20 5.59 -10.65 -19.57
N GLN A 21 5.43 -11.61 -18.66
CA GLN A 21 4.48 -12.70 -18.91
C GLN A 21 3.05 -12.18 -18.94
N ILE A 22 2.77 -11.11 -18.19
CA ILE A 22 1.47 -10.44 -18.28
C ILE A 22 1.40 -9.59 -19.54
N MET A 23 2.49 -8.90 -19.87
CA MET A 23 2.51 -8.06 -21.07
C MET A 23 2.38 -8.92 -22.33
N GLU A 24 3.04 -10.08 -22.36
CA GLU A 24 2.88 -10.99 -23.49
C GLU A 24 1.46 -11.52 -23.59
N TYR A 25 0.68 -11.43 -22.51
CA TYR A 25 -0.75 -11.68 -22.56
C TYR A 25 -1.54 -10.40 -22.81
N LYS A 26 -1.07 -9.28 -22.28
CA LYS A 26 -1.83 -8.03 -22.38
C LYS A 26 -1.90 -7.53 -23.82
N ARG A 27 -0.91 -7.87 -24.64
CA ARG A 27 -0.89 -7.39 -26.02
C ARG A 27 -1.50 -8.38 -27.00
N ARG A 28 -1.44 -9.68 -26.71
CA ARG A 28 -2.09 -10.66 -27.58
C ARG A 28 -3.61 -10.57 -27.50
N LYS A 29 -4.15 -9.76 -26.61
CA LYS A 29 -5.58 -9.43 -26.59
C LYS A 29 -5.87 -8.10 -27.27
N ASP A 30 -4.96 -7.14 -27.18
CA ASP A 30 -5.14 -5.83 -27.80
C ASP A 30 -4.67 -5.86 -29.26
N MET B 7 -4.61 4.55 16.07
CA MET B 7 -5.23 5.80 16.49
C MET B 7 -4.39 6.99 16.01
N VAL B 8 -5.07 8.03 15.53
CA VAL B 8 -4.38 9.12 14.85
C VAL B 8 -3.64 10.01 15.85
N ASP B 9 -4.30 10.37 16.95
CA ASP B 9 -3.71 11.31 17.89
C ASP B 9 -2.50 10.76 18.65
N GLU B 10 -2.13 9.49 18.44
CA GLU B 10 -0.89 8.97 18.99
C GLU B 10 0.18 8.75 17.93
N VAL B 11 -0.09 9.11 16.68
CA VAL B 11 0.95 9.18 15.66
C VAL B 11 1.65 10.53 15.68
N VAL B 12 0.86 11.61 15.79
CA VAL B 12 1.44 12.94 16.00
C VAL B 12 2.19 12.98 17.33
N HIS B 13 1.77 12.18 18.30
CA HIS B 13 2.47 12.10 19.58
C HIS B 13 3.91 11.64 19.42
N CYS B 14 4.22 10.94 18.33
CA CYS B 14 5.57 10.45 18.08
C CYS B 14 6.39 11.37 17.17
N LEU B 15 5.73 12.12 16.28
CA LEU B 15 6.46 13.04 15.43
C LEU B 15 6.94 14.27 16.19
N SER B 16 6.22 14.66 17.23
CA SER B 16 6.54 15.82 18.05
C SER B 16 6.73 17.09 17.20
N PRO B 17 5.66 17.56 16.53
CA PRO B 17 5.82 18.75 15.68
C PRO B 17 5.89 20.02 16.52
N GLN B 18 6.89 20.85 16.24
CA GLN B 18 7.04 22.13 16.90
C GLN B 18 6.89 23.26 15.89
N LYS B 19 7.44 24.43 16.21
CA LYS B 19 7.40 25.54 15.29
C LYS B 19 8.55 25.47 14.29
N GLY B 20 8.29 25.92 13.06
CA GLY B 20 9.30 25.99 12.03
C GLY B 20 9.74 24.66 11.44
N GLN B 21 9.29 23.54 11.99
CA GLN B 21 9.69 22.24 11.47
C GLN B 21 8.95 21.94 10.17
N ILE B 22 9.57 21.10 9.34
CA ILE B 22 8.99 20.68 8.07
C ILE B 22 8.99 19.15 8.01
N PHE B 23 7.90 18.59 7.51
CA PHE B 23 7.64 17.15 7.58
C PHE B 23 7.27 16.62 6.20
N LEU B 24 7.10 15.30 6.14
CA LEU B 24 6.70 14.61 4.91
C LEU B 24 5.72 13.51 5.26
N ASP B 25 4.52 13.58 4.70
CA ASP B 25 3.51 12.53 4.85
C ASP B 25 3.47 11.75 3.54
N MET B 26 4.31 10.71 3.47
CA MET B 26 4.42 9.92 2.24
C MET B 26 3.11 9.21 1.89
N THR B 27 2.19 9.09 2.85
CA THR B 27 0.88 8.48 2.64
C THR B 27 -0.17 9.48 3.11
N PHE B 28 -0.57 10.37 2.20
CA PHE B 28 -1.55 11.40 2.57
C PHE B 28 -2.94 10.79 2.73
N GLY B 29 -3.41 10.07 1.71
CA GLY B 29 -4.74 9.47 1.79
C GLY B 29 -5.82 10.52 1.84
N SER B 30 -6.76 10.36 2.77
CA SER B 30 -7.78 11.37 3.00
C SER B 30 -7.26 12.58 3.76
N GLY B 31 -6.03 12.53 4.25
CA GLY B 31 -5.45 13.64 4.96
C GLY B 31 -5.65 13.61 6.46
N GLY B 32 -5.91 12.44 7.04
CA GLY B 32 -6.16 12.36 8.47
C GLY B 32 -4.96 12.77 9.30
N HIS B 33 -3.81 12.14 9.04
CA HIS B 33 -2.62 12.45 9.83
C HIS B 33 -2.13 13.87 9.57
N THR B 34 -2.20 14.33 8.31
CA THR B 34 -1.79 15.70 8.01
C THR B 34 -2.66 16.72 8.70
N LYS B 35 -3.99 16.58 8.57
CA LYS B 35 -4.91 17.48 9.25
C LYS B 35 -4.84 17.36 10.76
N ALA B 36 -4.13 16.36 11.29
CA ALA B 36 -3.90 16.25 12.72
C ALA B 36 -2.58 16.89 13.16
N ILE B 37 -1.61 17.02 12.26
CA ILE B 37 -0.37 17.70 12.61
C ILE B 37 -0.60 19.21 12.68
N LEU B 38 -1.29 19.77 11.67
CA LEU B 38 -1.63 21.19 11.71
C LEU B 38 -2.58 21.50 12.87
N GLN B 39 -3.47 20.57 13.20
CA GLN B 39 -4.39 20.77 14.32
C GLN B 39 -3.67 20.83 15.67
N LYS B 40 -2.40 20.40 15.73
CA LYS B 40 -1.58 20.53 16.92
C LYS B 40 -0.71 21.78 16.88
N GLU B 41 -0.02 22.01 15.76
CA GLU B 41 0.77 23.22 15.57
C GLU B 41 0.73 23.58 14.09
N SER B 42 0.52 24.88 13.82
CA SER B 42 0.27 25.34 12.45
C SER B 42 1.47 26.00 11.79
N ASP B 43 2.51 26.35 12.55
CA ASP B 43 3.70 26.99 12.00
C ASP B 43 4.68 25.94 11.45
N ILE B 44 4.20 25.12 10.52
CA ILE B 44 4.96 24.03 9.95
C ILE B 44 4.82 24.05 8.43
N VAL B 45 5.59 23.20 7.76
CA VAL B 45 5.47 23.01 6.33
C VAL B 45 5.42 21.52 6.00
N LEU B 46 4.24 21.00 5.69
CA LEU B 46 4.06 19.58 5.42
C LEU B 46 4.07 19.33 3.92
N TYR B 47 4.79 18.28 3.52
CA TYR B 47 4.80 17.80 2.14
C TYR B 47 3.99 16.52 2.07
N ALA B 48 3.01 16.49 1.18
CA ALA B 48 2.02 15.42 1.12
C ALA B 48 2.20 14.63 -0.17
N LEU B 49 2.50 13.34 -0.04
CA LEU B 49 2.65 12.44 -1.16
C LEU B 49 1.61 11.34 -1.11
N ASP B 50 1.11 10.94 -2.27
CA ASP B 50 0.23 9.78 -2.40
C ASP B 50 0.10 9.41 -3.88
N ARG B 51 0.31 8.14 -4.21
CA ARG B 51 0.20 7.70 -5.59
C ARG B 51 -1.23 7.63 -6.08
N ASP B 52 -2.21 7.86 -5.21
CA ASP B 52 -3.62 7.79 -5.59
C ASP B 52 -4.08 9.17 -6.05
N PRO B 53 -4.47 9.33 -7.33
CA PRO B 53 -4.98 10.64 -7.77
C PRO B 53 -6.20 11.09 -7.01
N THR B 54 -7.06 10.16 -6.58
CA THR B 54 -8.21 10.52 -5.77
C THR B 54 -7.79 11.14 -4.44
N ALA B 55 -6.68 10.65 -3.86
CA ALA B 55 -6.21 11.16 -2.57
C ALA B 55 -5.43 12.46 -2.73
N TYR B 56 -4.51 12.50 -3.70
CA TYR B 56 -3.76 13.72 -3.97
C TYR B 56 -4.67 14.88 -4.36
N ALA B 57 -5.86 14.59 -4.87
CA ALA B 57 -6.83 15.65 -5.14
C ALA B 57 -7.20 16.39 -3.86
N LEU B 58 -7.39 15.66 -2.75
CA LEU B 58 -7.62 16.33 -1.48
C LEU B 58 -6.37 17.06 -0.99
N ALA B 59 -5.19 16.54 -1.32
CA ALA B 59 -3.95 17.16 -0.86
C ALA B 59 -3.81 18.57 -1.42
N GLU B 60 -4.01 18.73 -2.73
CA GLU B 60 -3.93 20.06 -3.32
C GLU B 60 -5.21 20.86 -3.10
N HIS B 61 -6.32 20.20 -2.78
CA HIS B 61 -7.50 20.92 -2.31
C HIS B 61 -7.26 21.56 -0.95
N LEU B 62 -6.31 21.03 -0.18
CA LEU B 62 -5.88 21.64 1.06
C LEU B 62 -4.73 22.61 0.87
N SER B 63 -3.98 22.50 -0.22
CA SER B 63 -2.87 23.41 -0.47
C SER B 63 -3.37 24.82 -0.72
N GLU B 64 -4.38 24.97 -1.59
CA GLU B 64 -4.98 26.28 -1.80
C GLU B 64 -5.72 26.77 -0.56
N LEU B 65 -6.01 25.88 0.39
CA LEU B 65 -6.65 26.25 1.64
C LEU B 65 -5.62 26.62 2.71
N TYR B 66 -4.54 25.84 2.81
CA TYR B 66 -3.42 26.19 3.67
C TYR B 66 -2.22 26.52 2.79
N PRO B 67 -2.13 27.77 2.28
CA PRO B 67 -1.14 28.07 1.23
C PRO B 67 0.30 28.00 1.70
N LYS B 68 0.62 28.65 2.83
CA LYS B 68 1.97 28.70 3.39
C LYS B 68 2.30 27.47 4.24
N GLN B 69 1.63 26.34 3.99
CA GLN B 69 1.86 25.16 4.81
C GLN B 69 1.99 23.88 3.98
N ILE B 70 0.99 23.61 3.14
CA ILE B 70 0.87 22.33 2.44
C ILE B 70 1.48 22.46 1.05
N ARG B 71 2.18 21.40 0.63
CA ARG B 71 2.76 21.30 -0.71
C ARG B 71 2.42 19.90 -1.24
N ALA B 72 1.36 19.81 -2.03
CA ALA B 72 0.86 18.52 -2.49
C ALA B 72 1.75 17.92 -3.56
N MET B 73 1.89 16.60 -3.54
CA MET B 73 2.69 15.86 -4.51
C MET B 73 2.01 14.54 -4.83
N LEU B 74 2.03 14.16 -6.10
CA LEU B 74 1.44 12.92 -6.57
C LEU B 74 2.52 12.00 -7.10
N GLY B 75 2.57 10.78 -6.58
CA GLY B 75 3.52 9.80 -7.03
C GLY B 75 3.67 8.67 -6.05
N GLN B 76 4.27 7.58 -6.55
CA GLN B 76 4.53 6.40 -5.74
C GLN B 76 5.73 6.64 -4.82
N PHE B 77 5.99 5.68 -3.94
CA PHE B 77 7.22 5.71 -3.14
C PHE B 77 8.44 5.62 -4.03
N SER B 78 8.38 4.77 -5.06
CA SER B 78 9.55 4.53 -5.90
C SER B 78 9.98 5.78 -6.66
N GLN B 79 9.03 6.67 -6.97
CA GLN B 79 9.33 7.91 -7.67
C GLN B 79 9.29 9.12 -6.75
N ALA B 80 9.39 8.91 -5.44
CA ALA B 80 9.40 10.03 -4.51
C ALA B 80 10.75 10.73 -4.48
N GLU B 81 11.83 10.03 -4.82
CA GLU B 81 13.15 10.67 -4.83
C GLU B 81 13.26 11.68 -5.96
N ALA B 82 12.70 11.37 -7.13
CA ALA B 82 12.80 12.28 -8.27
C ALA B 82 11.97 13.54 -8.05
N LEU B 83 10.73 13.38 -7.59
CA LEU B 83 9.85 14.53 -7.40
C LEU B 83 10.33 15.43 -6.27
N LEU B 84 10.94 14.85 -5.23
CA LEU B 84 11.46 15.67 -4.14
C LEU B 84 12.65 16.51 -4.61
N MET B 85 13.55 15.91 -5.41
CA MET B 85 14.69 16.67 -5.90
C MET B 85 14.27 17.69 -6.94
N LYS B 86 13.36 17.33 -7.84
CA LYS B 86 12.91 18.25 -8.88
C LYS B 86 12.04 19.37 -8.35
N ALA B 87 11.65 19.33 -7.07
CA ALA B 87 10.89 20.40 -6.45
C ALA B 87 11.75 21.40 -5.71
N GLY B 88 13.02 21.09 -5.47
CA GLY B 88 13.89 21.96 -4.71
C GLY B 88 14.14 21.52 -3.29
N VAL B 89 14.15 20.22 -3.03
CA VAL B 89 14.33 19.67 -1.69
C VAL B 89 15.61 18.85 -1.69
N GLN B 90 16.59 19.28 -0.90
CA GLN B 90 17.85 18.57 -0.75
C GLN B 90 17.71 17.46 0.28
N PRO B 91 18.61 16.48 0.26
CA PRO B 91 18.58 15.43 1.28
C PRO B 91 18.82 15.99 2.68
N GLY B 92 18.40 15.24 3.68
CA GLY B 92 18.55 15.64 5.07
C GLY B 92 17.83 16.94 5.40
N THR B 93 16.54 17.00 5.11
CA THR B 93 15.77 18.22 5.29
C THR B 93 14.57 18.07 6.20
N PHE B 94 13.92 16.91 6.21
CA PHE B 94 12.66 16.75 6.94
C PHE B 94 12.92 16.49 8.42
N ASP B 95 12.16 17.19 9.27
CA ASP B 95 12.19 16.91 10.70
C ASP B 95 11.49 15.59 11.02
N GLY B 96 10.56 15.17 10.17
CA GLY B 96 9.85 13.92 10.39
C GLY B 96 9.20 13.40 9.13
N VAL B 97 9.19 12.09 8.96
CA VAL B 97 8.56 11.43 7.82
C VAL B 97 7.50 10.47 8.33
N LEU B 98 6.32 10.50 7.71
CA LEU B 98 5.19 9.68 8.12
C LEU B 98 4.85 8.70 7.01
N MET B 99 4.68 7.43 7.38
CA MET B 99 4.27 6.39 6.44
C MET B 99 3.10 5.62 7.04
N ASP B 100 1.91 5.75 6.46
CA ASP B 100 0.71 5.05 6.88
C ASP B 100 0.35 4.09 5.75
N LEU B 101 0.80 2.86 5.85
CA LEU B 101 0.65 1.89 4.77
C LEU B 101 -0.79 1.38 4.73
N GLY B 102 -1.07 0.51 3.76
CA GLY B 102 -2.39 -0.07 3.60
C GLY B 102 -3.16 0.52 2.43
N CYS B 103 -4.47 0.64 2.60
CA CYS B 103 -5.34 1.22 1.59
C CYS B 103 -6.24 2.27 2.22
N SER B 104 -6.38 3.41 1.56
CA SER B 104 -7.30 4.43 2.03
C SER B 104 -8.73 3.95 1.90
N SER B 105 -9.62 4.53 2.71
CA SER B 105 -11.03 4.16 2.66
C SER B 105 -11.68 4.56 1.33
N MET B 106 -11.07 5.49 0.59
CA MET B 106 -11.65 5.92 -0.67
C MET B 106 -11.61 4.81 -1.71
N GLN B 107 -10.51 4.04 -1.75
CA GLN B 107 -10.39 2.99 -2.76
C GLN B 107 -11.08 1.70 -2.35
N LEU B 108 -11.30 1.48 -1.04
CA LEU B 108 -12.04 0.32 -0.58
C LEU B 108 -13.54 0.51 -0.64
N ASP B 109 -14.03 1.70 -0.31
CA ASP B 109 -15.48 1.93 -0.28
C ASP B 109 -16.04 2.13 -1.68
N THR B 110 -15.48 3.09 -2.43
CA THR B 110 -15.93 3.36 -3.79
C THR B 110 -15.73 2.11 -4.65
N PRO B 111 -16.82 1.46 -5.09
CA PRO B 111 -16.68 0.17 -5.77
C PRO B 111 -16.15 0.26 -7.18
N GLU B 112 -16.19 1.44 -7.80
CA GLU B 112 -15.70 1.58 -9.17
C GLU B 112 -14.21 1.26 -9.28
N ARG B 113 -13.48 1.31 -8.18
CA ARG B 113 -12.05 1.03 -8.19
C ARG B 113 -11.74 -0.43 -7.89
N GLY B 114 -12.73 -1.23 -7.51
CA GLY B 114 -12.58 -2.67 -7.41
C GLY B 114 -11.63 -3.19 -6.35
N PHE B 115 -11.68 -2.63 -5.15
CA PHE B 115 -10.96 -3.18 -4.00
C PHE B 115 -11.84 -4.05 -3.12
N SER B 116 -13.10 -3.67 -2.94
CA SER B 116 -14.00 -4.38 -2.05
C SER B 116 -14.63 -5.57 -2.75
N LEU B 117 -14.77 -6.67 -2.01
CA LEU B 117 -15.64 -7.76 -2.41
C LEU B 117 -17.07 -7.58 -1.92
N ARG B 118 -17.31 -6.58 -1.05
CA ARG B 118 -18.65 -6.29 -0.58
C ARG B 118 -19.49 -5.62 -1.66
N LYS B 119 -19.01 -4.50 -2.19
CA LYS B 119 -19.67 -3.80 -3.28
C LYS B 119 -18.98 -4.15 -4.60
N ASP B 120 -19.79 -4.41 -5.61
CA ASP B 120 -19.28 -4.94 -6.87
C ASP B 120 -18.78 -3.81 -7.78
N GLY B 121 -17.53 -3.95 -8.22
CA GLY B 121 -16.98 -3.16 -9.30
C GLY B 121 -16.15 -4.05 -10.19
N PRO B 122 -15.37 -3.45 -11.10
CA PRO B 122 -14.46 -4.24 -11.92
C PRO B 122 -13.23 -4.67 -11.13
N LEU B 123 -12.66 -5.81 -11.52
CA LEU B 123 -11.38 -6.21 -10.93
C LEU B 123 -10.28 -5.23 -11.34
N ASP B 124 -10.15 -4.13 -10.61
CA ASP B 124 -9.18 -3.08 -10.90
C ASP B 124 -8.05 -3.11 -9.88
N MET B 125 -8.33 -2.76 -8.63
CA MET B 125 -7.42 -2.93 -7.49
C MET B 125 -6.14 -2.11 -7.65
N ARG B 126 -6.18 -1.03 -8.41
CA ARG B 126 -5.02 -0.17 -8.63
C ARG B 126 -5.13 1.09 -7.79
N MET B 127 -4.10 1.34 -6.97
CA MET B 127 -4.04 2.60 -6.23
C MET B 127 -3.81 3.78 -7.17
N ASP B 128 -3.03 3.57 -8.23
CA ASP B 128 -2.77 4.66 -9.17
C ASP B 128 -4.01 5.01 -9.99
N GLY B 129 -4.95 4.07 -10.11
CA GLY B 129 -6.14 4.31 -10.91
C GLY B 129 -5.88 4.58 -12.37
N GLY B 130 -6.23 5.79 -12.81
CA GLY B 130 -6.14 6.13 -14.21
C GLY B 130 -4.83 6.73 -14.67
N ARG B 131 -3.96 7.11 -13.72
CA ARG B 131 -2.72 7.78 -14.08
C ARG B 131 -1.85 6.92 -15.00
N TYR B 132 -1.93 5.60 -14.86
CA TYR B 132 -1.17 4.68 -15.71
C TYR B 132 -2.13 3.61 -16.22
N PRO B 133 -2.74 3.82 -17.39
CA PRO B 133 -3.70 2.84 -17.91
C PRO B 133 -3.04 1.58 -18.46
N ASP B 134 -1.76 1.63 -18.82
CA ASP B 134 -1.05 0.43 -19.27
C ASP B 134 -0.64 -0.47 -18.12
N MET B 135 -0.84 -0.05 -16.88
CA MET B 135 -0.49 -0.87 -15.74
C MET B 135 -1.50 -2.01 -15.58
N PRO B 136 -1.05 -3.24 -15.37
CA PRO B 136 -2.00 -4.36 -15.26
C PRO B 136 -2.89 -4.23 -14.03
N THR B 137 -4.15 -4.58 -14.20
CA THR B 137 -5.11 -4.62 -13.11
C THR B 137 -5.07 -5.99 -12.44
N ALA B 138 -5.86 -6.14 -11.38
CA ALA B 138 -5.99 -7.45 -10.74
C ALA B 138 -6.66 -8.45 -11.69
N ALA B 139 -7.50 -7.96 -12.60
CA ALA B 139 -8.09 -8.85 -13.60
C ALA B 139 -7.03 -9.38 -14.56
N ASP B 140 -6.08 -8.52 -14.94
CA ASP B 140 -5.02 -8.94 -15.86
C ASP B 140 -4.11 -9.99 -15.24
N VAL B 141 -3.98 -9.98 -13.91
CA VAL B 141 -3.10 -10.93 -13.24
C VAL B 141 -3.72 -12.33 -13.23
N VAL B 142 -4.96 -12.44 -12.74
CA VAL B 142 -5.64 -13.72 -12.69
C VAL B 142 -6.00 -14.25 -14.06
N ASN B 143 -5.89 -13.42 -15.10
CA ASN B 143 -6.18 -13.84 -16.47
C ASN B 143 -4.92 -14.12 -17.27
N ALA B 144 -3.76 -14.27 -16.61
CA ALA B 144 -2.52 -14.45 -17.34
C ALA B 144 -1.63 -15.53 -16.72
N LEU B 145 -1.21 -15.32 -15.48
CA LEU B 145 -0.20 -16.17 -14.85
C LEU B 145 -0.72 -17.60 -14.67
N ASP B 146 0.23 -18.52 -14.52
CA ASP B 146 -0.07 -19.94 -14.39
C ASP B 146 -0.35 -20.31 -12.93
N GLN B 147 -0.65 -21.59 -12.69
CA GLN B 147 -1.01 -22.04 -11.35
C GLN B 147 0.14 -21.86 -10.37
N GLN B 148 1.30 -22.42 -10.71
CA GLN B 148 2.44 -22.37 -9.79
C GLN B 148 2.85 -20.94 -9.47
N ALA B 149 2.56 -20.00 -10.36
CA ALA B 149 2.86 -18.60 -10.09
C ALA B 149 1.75 -17.94 -9.28
N LEU B 150 0.49 -18.21 -9.63
CA LEU B 150 -0.62 -17.64 -8.87
C LEU B 150 -0.65 -18.17 -7.44
N ALA B 151 -0.27 -19.43 -7.24
CA ALA B 151 -0.30 -20.00 -5.90
C ALA B 151 0.75 -19.36 -5.00
N SER B 152 1.94 -19.07 -5.53
CA SER B 152 2.98 -18.46 -4.71
C SER B 152 2.63 -17.03 -4.34
N ILE B 153 1.91 -16.31 -5.20
CA ILE B 153 1.49 -14.96 -4.85
C ILE B 153 0.47 -14.97 -3.72
N LEU B 154 -0.48 -15.91 -3.76
CA LEU B 154 -1.48 -16.01 -2.72
C LEU B 154 -0.87 -16.50 -1.40
N ARG B 155 0.08 -17.44 -1.49
CA ARG B 155 0.64 -18.04 -0.28
C ARG B 155 1.53 -17.06 0.47
N THR B 156 2.36 -16.31 -0.26
CA THR B 156 3.31 -15.39 0.36
C THR B 156 2.68 -14.03 0.64
N TYR B 157 2.21 -13.35 -0.41
CA TYR B 157 1.64 -12.02 -0.22
C TYR B 157 0.35 -12.06 0.59
N GLY B 158 -0.42 -13.13 0.49
CA GLY B 158 -1.74 -13.14 1.08
C GLY B 158 -1.84 -14.03 2.31
N GLU B 159 -0.75 -14.74 2.61
CA GLU B 159 -0.67 -15.63 3.76
C GLU B 159 -1.75 -16.71 3.73
N GLU B 160 -2.13 -17.14 2.52
CA GLU B 160 -3.18 -18.13 2.34
C GLU B 160 -2.58 -19.53 2.37
N LYS B 161 -3.13 -20.40 3.24
CA LYS B 161 -2.59 -21.74 3.39
C LYS B 161 -3.01 -22.65 2.24
N HIS B 162 -4.26 -22.54 1.78
CA HIS B 162 -4.77 -23.39 0.70
C HIS B 162 -4.57 -22.71 -0.64
N ALA B 163 -3.30 -22.52 -1.00
CA ALA B 163 -2.95 -21.79 -2.21
C ALA B 163 -3.27 -22.59 -3.46
N LYS B 164 -2.77 -23.84 -3.52
CA LYS B 164 -2.97 -24.65 -4.72
C LYS B 164 -4.44 -24.92 -5.00
N LYS B 165 -5.26 -25.02 -3.94
CA LYS B 165 -6.70 -25.21 -4.13
C LYS B 165 -7.32 -24.00 -4.82
N ILE B 166 -7.02 -22.80 -4.31
CA ILE B 166 -7.59 -21.58 -4.88
C ILE B 166 -7.00 -21.31 -6.25
N ALA B 167 -5.70 -21.52 -6.42
CA ALA B 167 -5.06 -21.30 -7.71
C ALA B 167 -5.65 -22.20 -8.79
N SER B 168 -5.92 -23.47 -8.44
CA SER B 168 -6.55 -24.36 -9.40
C SER B 168 -7.99 -23.95 -9.70
N ALA B 169 -8.68 -23.35 -8.72
CA ALA B 169 -10.03 -22.86 -8.95
C ALA B 169 -10.04 -21.65 -9.88
N ILE B 170 -8.97 -20.85 -9.85
CA ILE B 170 -8.90 -19.67 -10.71
C ILE B 170 -8.59 -20.08 -12.15
N VAL B 171 -7.61 -20.96 -12.33
CA VAL B 171 -7.20 -21.36 -13.67
C VAL B 171 -8.30 -22.14 -14.39
N GLN B 172 -9.21 -22.77 -13.65
CA GLN B 172 -10.28 -23.54 -14.29
C GLN B 172 -11.44 -22.64 -14.70
N ALA B 173 -11.85 -21.73 -13.81
CA ALA B 173 -12.85 -20.75 -14.18
C ALA B 173 -12.34 -19.79 -15.25
N ARG B 174 -11.03 -19.63 -15.36
CA ARG B 174 -10.45 -18.79 -16.41
C ARG B 174 -10.66 -19.40 -17.79
N SER B 175 -10.38 -20.70 -17.92
CA SER B 175 -10.47 -21.36 -19.22
C SER B 175 -11.89 -21.43 -19.75
N ILE B 176 -12.88 -21.03 -18.96
CA ILE B 176 -14.27 -20.93 -19.41
C ILE B 176 -14.63 -19.49 -19.75
N TYR B 177 -14.31 -18.55 -18.86
CA TYR B 177 -14.64 -17.15 -19.06
C TYR B 177 -13.64 -16.29 -18.30
N PRO B 178 -13.19 -15.17 -18.86
CA PRO B 178 -12.22 -14.33 -18.15
C PRO B 178 -12.82 -13.68 -16.93
N ILE B 179 -11.96 -13.44 -15.93
CA ILE B 179 -12.37 -12.82 -14.67
C ILE B 179 -12.19 -11.31 -14.80
N THR B 180 -13.29 -10.57 -14.62
CA THR B 180 -13.24 -9.12 -14.79
C THR B 180 -13.98 -8.35 -13.71
N ARG B 181 -14.48 -9.01 -12.66
CA ARG B 181 -15.19 -8.33 -11.59
C ARG B 181 -14.73 -8.85 -10.25
N THR B 182 -15.02 -8.08 -9.19
CA THR B 182 -14.58 -8.45 -7.86
C THR B 182 -15.42 -9.59 -7.29
N GLN B 183 -16.75 -9.44 -7.33
CA GLN B 183 -17.62 -10.48 -6.79
C GLN B 183 -17.60 -11.73 -7.67
N GLN B 184 -17.28 -11.58 -8.95
CA GLN B 184 -17.11 -12.74 -9.82
C GLN B 184 -15.93 -13.58 -9.36
N LEU B 185 -14.81 -12.93 -9.05
CA LEU B 185 -13.64 -13.65 -8.54
C LEU B 185 -13.92 -14.23 -7.16
N ALA B 186 -14.65 -13.49 -6.31
CA ALA B 186 -14.94 -13.96 -4.97
C ALA B 186 -15.76 -15.24 -4.97
N SER B 187 -16.65 -15.40 -5.95
CA SER B 187 -17.43 -16.64 -6.04
C SER B 187 -16.57 -17.80 -6.56
N ILE B 188 -15.56 -17.50 -7.37
CA ILE B 188 -14.69 -18.54 -7.91
C ILE B 188 -13.86 -19.17 -6.79
N VAL B 189 -13.19 -18.34 -6.00
CA VAL B 189 -12.38 -18.87 -4.90
C VAL B 189 -13.26 -19.52 -3.84
N ALA B 190 -14.41 -18.91 -3.54
CA ALA B 190 -15.34 -19.51 -2.58
C ALA B 190 -15.90 -20.84 -3.07
N GLY B 191 -15.87 -21.08 -4.38
CA GLY B 191 -16.33 -22.36 -4.91
C GLY B 191 -15.35 -23.50 -4.68
N ALA B 192 -14.06 -23.18 -4.56
CA ALA B 192 -13.06 -24.21 -4.29
C ALA B 192 -13.31 -24.91 -2.96
N PHE B 193 -14.05 -24.28 -2.06
CA PHE B 193 -14.45 -24.82 -0.79
C PHE B 193 -15.94 -25.12 -0.80
N PRO B 194 -16.42 -26.01 0.07
CA PRO B 194 -17.86 -26.22 0.17
C PRO B 194 -18.56 -24.96 0.65
N PRO B 195 -19.88 -24.86 0.47
CA PRO B 195 -20.60 -23.66 0.92
C PRO B 195 -20.43 -23.33 2.39
N SER B 196 -19.85 -24.24 3.18
CA SER B 196 -19.67 -23.99 4.60
C SER B 196 -18.57 -22.96 4.85
N ALA B 197 -17.43 -23.12 4.18
CA ALA B 197 -16.23 -22.34 4.48
C ALA B 197 -16.31 -20.88 4.04
N ILE B 198 -17.41 -20.45 3.43
CA ILE B 198 -17.43 -19.12 2.82
C ILE B 198 -17.28 -18.01 3.85
N TYR B 199 -17.75 -18.24 5.08
CA TYR B 199 -17.71 -17.23 6.13
C TYR B 199 -17.23 -17.83 7.45
N THR B 200 -16.27 -18.77 7.37
CA THR B 200 -15.82 -19.45 8.59
C THR B 200 -14.73 -18.66 9.31
N ARG B 201 -13.84 -18.03 8.57
CA ARG B 201 -12.71 -17.33 9.18
C ARG B 201 -13.19 -16.13 9.99
N LYS B 202 -12.57 -15.92 11.15
CA LYS B 202 -12.91 -14.83 12.05
C LYS B 202 -11.84 -13.76 11.99
N ASP B 203 -12.23 -12.54 12.36
CA ASP B 203 -11.33 -11.40 12.33
C ASP B 203 -10.67 -11.21 13.70
N LEU B 204 -9.88 -10.15 13.82
CA LEU B 204 -9.21 -9.86 15.09
C LEU B 204 -10.22 -9.55 16.19
N LEU B 205 -11.37 -8.99 15.82
CA LEU B 205 -12.47 -8.77 16.74
C LEU B 205 -13.51 -9.88 16.68
N GLN B 206 -13.10 -11.08 16.22
CA GLN B 206 -13.99 -12.23 16.05
C GLN B 206 -15.14 -11.92 15.11
N ARG B 207 -14.88 -11.07 14.11
CA ARG B 207 -15.88 -10.73 13.10
C ARG B 207 -15.78 -11.66 11.91
N SER B 208 -16.94 -11.96 11.32
CA SER B 208 -17.01 -12.89 10.20
C SER B 208 -16.50 -12.23 8.93
N THR B 209 -15.63 -12.93 8.20
CA THR B 209 -15.04 -12.42 6.98
C THR B 209 -15.22 -13.43 5.86
N HIS B 210 -15.25 -12.92 4.62
CA HIS B 210 -15.33 -13.77 3.44
C HIS B 210 -14.05 -14.57 3.28
N ILE B 211 -14.16 -15.71 2.60
CA ILE B 211 -13.01 -16.58 2.41
C ILE B 211 -12.05 -16.03 1.36
N ALA B 212 -12.52 -15.16 0.48
CA ALA B 212 -11.67 -14.53 -0.53
C ALA B 212 -10.83 -13.39 0.02
N THR B 213 -10.99 -13.05 1.31
CA THR B 213 -10.37 -11.85 1.85
C THR B 213 -8.85 -11.92 1.82
N LYS B 214 -8.27 -13.13 1.83
CA LYS B 214 -6.83 -13.25 1.76
C LYS B 214 -6.34 -13.22 0.31
N THR B 215 -7.09 -13.87 -0.59
CA THR B 215 -6.73 -13.83 -2.00
C THR B 215 -6.79 -12.41 -2.54
N PHE B 216 -7.76 -11.62 -2.08
CA PHE B 216 -7.85 -10.22 -2.48
C PHE B 216 -6.67 -9.42 -1.96
N GLN B 217 -6.22 -9.71 -0.73
CA GLN B 217 -5.10 -8.97 -0.16
C GLN B 217 -3.80 -9.31 -0.88
N ALA B 218 -3.66 -10.53 -1.38
CA ALA B 218 -2.46 -10.88 -2.13
C ALA B 218 -2.37 -10.09 -3.44
N LEU B 219 -3.49 -10.04 -4.18
CA LEU B 219 -3.50 -9.27 -5.42
C LEU B 219 -3.38 -7.78 -5.15
N ARG B 220 -3.95 -7.30 -4.04
CA ARG B 220 -3.78 -5.91 -3.67
C ARG B 220 -2.31 -5.56 -3.51
N ILE B 221 -1.53 -6.47 -2.93
CA ILE B 221 -0.11 -6.22 -2.73
C ILE B 221 0.68 -6.46 -4.01
N PHE B 222 0.25 -7.40 -4.85
CA PHE B 222 1.03 -7.75 -6.03
C PHE B 222 0.88 -6.71 -7.13
N VAL B 223 -0.36 -6.31 -7.44
CA VAL B 223 -0.56 -5.39 -8.56
C VAL B 223 -0.04 -4.00 -8.24
N ASN B 224 -0.04 -3.61 -6.96
CA ASN B 224 0.52 -2.33 -6.54
C ASN B 224 1.97 -2.44 -6.09
N ASN B 225 2.50 -3.66 -6.00
CA ASN B 225 3.87 -3.91 -5.58
C ASN B 225 4.16 -3.20 -4.24
N GLU B 226 3.34 -3.52 -3.25
CA GLU B 226 3.41 -2.84 -1.96
C GLU B 226 4.75 -3.08 -1.26
N LEU B 227 5.34 -4.26 -1.44
CA LEU B 227 6.57 -4.59 -0.72
C LEU B 227 7.79 -3.87 -1.31
N ASN B 228 8.01 -4.06 -2.61
CA ASN B 228 9.18 -3.45 -3.24
C ASN B 228 9.13 -1.93 -3.18
N GLU B 229 7.95 -1.35 -3.37
CA GLU B 229 7.81 0.10 -3.27
C GLU B 229 7.95 0.58 -1.82
N LEU B 230 7.63 -0.28 -0.85
CA LEU B 230 7.82 0.09 0.55
C LEU B 230 9.30 0.24 0.88
N TYR B 231 10.13 -0.70 0.40
CA TYR B 231 11.55 -0.68 0.75
C TYR B 231 12.24 0.55 0.17
N THR B 232 11.97 0.87 -1.10
CA THR B 232 12.56 2.07 -1.70
C THR B 232 12.04 3.33 -1.03
N GLY B 233 10.81 3.30 -0.51
CA GLY B 233 10.31 4.43 0.25
C GLY B 233 11.00 4.59 1.59
N LEU B 234 11.38 3.48 2.21
CA LEU B 234 12.12 3.55 3.47
C LEU B 234 13.48 4.19 3.26
N LYS B 235 14.17 3.82 2.17
CA LYS B 235 15.46 4.43 1.86
C LYS B 235 15.30 5.92 1.61
N THR B 236 14.30 6.29 0.80
CA THR B 236 14.09 7.70 0.48
C THR B 236 13.76 8.50 1.73
N ALA B 237 12.95 7.94 2.63
CA ALA B 237 12.66 8.61 3.88
C ALA B 237 13.91 8.79 4.73
N GLN B 238 14.81 7.81 4.69
CA GLN B 238 16.04 7.89 5.48
C GLN B 238 16.95 9.02 4.98
N LYS B 239 17.08 9.16 3.67
CA LYS B 239 18.02 10.13 3.12
C LYS B 239 17.52 11.57 3.23
N PHE B 240 16.22 11.78 3.10
CA PHE B 240 15.65 13.12 3.21
C PHE B 240 15.30 13.49 4.65
N LEU B 241 15.48 12.57 5.60
CA LEU B 241 15.39 12.92 7.00
C LEU B 241 16.70 13.51 7.48
N ARG B 242 16.61 14.48 8.38
CA ARG B 242 17.81 15.05 8.99
C ARG B 242 18.25 14.21 10.18
N PRO B 243 19.50 14.35 10.61
CA PRO B 243 19.91 13.74 11.87
C PRO B 243 19.04 14.25 13.01
N GLY B 244 18.50 13.32 13.79
CA GLY B 244 17.50 13.66 14.77
C GLY B 244 16.08 13.68 14.25
N GLY B 245 15.87 13.29 13.00
CA GLY B 245 14.54 13.26 12.43
C GLY B 245 13.81 11.97 12.77
N ARG B 246 12.49 12.06 12.86
CA ARG B 246 11.67 10.96 13.32
C ARG B 246 10.93 10.32 12.14
N LEU B 247 10.87 8.99 12.14
CA LEU B 247 10.23 8.22 11.09
C LEU B 247 9.18 7.31 11.71
N VAL B 248 7.91 7.59 11.44
CA VAL B 248 6.79 6.82 11.97
C VAL B 248 6.22 5.98 10.82
N ALA B 249 6.02 4.69 11.08
CA ALA B 249 5.54 3.77 10.06
C ALA B 249 4.47 2.87 10.66
N LEU B 250 3.28 2.86 10.05
CA LEU B 250 2.17 2.01 10.48
C LEU B 250 2.14 0.78 9.58
N SER B 251 2.50 -0.37 10.13
CA SER B 251 2.42 -1.63 9.41
C SER B 251 1.05 -2.27 9.63
N PHE B 252 0.66 -3.12 8.67
CA PHE B 252 -0.66 -3.74 8.74
C PHE B 252 -0.66 -5.21 8.35
N HIS B 253 0.51 -5.84 8.22
CA HIS B 253 0.63 -7.29 8.17
C HIS B 253 2.10 -7.63 8.35
N SER B 254 2.38 -8.94 8.44
CA SER B 254 3.71 -9.39 8.83
C SER B 254 4.78 -8.92 7.84
N LEU B 255 4.44 -8.87 6.55
CA LEU B 255 5.44 -8.52 5.54
C LEU B 255 5.80 -7.04 5.61
N GLU B 256 4.80 -6.16 5.67
CA GLU B 256 5.09 -4.73 5.83
C GLU B 256 5.81 -4.45 7.14
N ASP B 257 5.59 -5.27 8.16
CA ASP B 257 6.22 -5.05 9.45
C ASP B 257 7.62 -5.65 9.49
N ARG B 258 7.83 -6.81 8.86
CA ARG B 258 9.16 -7.40 8.83
C ARG B 258 10.11 -6.58 7.96
N ILE B 259 9.59 -5.94 6.91
CA ILE B 259 10.44 -5.13 6.04
C ILE B 259 10.97 -3.91 6.79
N VAL B 260 10.08 -3.17 7.47
CA VAL B 260 10.53 -2.01 8.23
C VAL B 260 11.38 -2.44 9.42
N LYS B 261 11.12 -3.62 9.98
CA LYS B 261 11.94 -4.13 11.07
C LYS B 261 13.36 -4.40 10.60
N ARG B 262 13.51 -5.19 9.53
CA ARG B 262 14.83 -5.47 8.98
C ARG B 262 15.51 -4.19 8.49
N PHE B 263 14.72 -3.20 8.08
CA PHE B 263 15.30 -1.94 7.60
C PHE B 263 15.88 -1.13 8.76
N LEU B 264 15.07 -0.88 9.79
CA LEU B 264 15.55 -0.09 10.91
C LEU B 264 16.73 -0.73 11.60
N LEU B 265 16.81 -2.06 11.61
CA LEU B 265 17.97 -2.75 12.15
C LEU B 265 19.13 -2.77 11.17
N GLY B 266 18.89 -2.50 9.89
CA GLY B 266 19.94 -2.49 8.90
C GLY B 266 20.32 -3.87 8.41
N ILE B 267 19.34 -4.63 7.92
CA ILE B 267 19.56 -5.98 7.41
C ILE B 267 18.85 -6.12 6.08
N SER B 268 19.32 -7.06 5.27
CA SER B 268 18.70 -7.40 3.99
C SER B 268 18.10 -8.80 3.97
N MET B 269 18.77 -9.78 4.58
CA MET B 269 18.26 -11.15 4.63
C MET B 269 18.94 -11.93 5.76
N LEU B 304 22.32 0.48 13.45
CA LEU B 304 23.28 1.45 13.96
C LEU B 304 22.96 2.86 13.49
N MET B 305 22.05 2.96 12.51
CA MET B 305 21.66 4.24 11.95
C MET B 305 20.34 4.77 12.52
N TRP B 306 19.73 4.08 13.47
CA TRP B 306 18.41 4.46 13.97
C TRP B 306 18.34 4.24 15.48
N GLU B 307 17.68 5.17 16.16
CA GLU B 307 17.31 5.01 17.56
C GLU B 307 15.82 4.67 17.59
N LEU B 308 15.51 3.39 17.80
CA LEU B 308 14.14 2.91 17.80
C LEU B 308 13.49 3.31 19.12
N ILE B 309 12.52 4.22 19.05
CA ILE B 309 11.98 4.88 20.25
C ILE B 309 10.56 4.46 20.59
N HIS B 310 9.86 3.75 19.71
CA HIS B 310 8.48 3.40 19.99
C HIS B 310 8.11 2.13 19.22
N LYS B 311 7.40 1.22 19.89
CA LYS B 311 6.79 0.06 19.25
C LYS B 311 5.47 -0.19 19.99
N LYS B 312 4.36 0.17 19.36
CA LYS B 312 3.03 0.02 19.94
C LYS B 312 2.16 -0.84 19.01
N VAL B 313 0.94 -1.10 19.44
CA VAL B 313 -0.03 -1.85 18.64
C VAL B 313 -1.32 -1.05 18.53
N ALA B 330 -1.79 -3.88 12.32
CA ALA B 330 -1.94 -2.63 13.06
C ALA B 330 -0.82 -2.47 14.08
N LYS B 331 0.42 -2.32 13.59
CA LYS B 331 1.59 -2.20 14.45
C LYS B 331 2.37 -0.96 14.06
N LEU B 332 2.57 -0.08 15.03
CA LEU B 332 3.37 1.13 14.86
C LEU B 332 4.78 0.90 15.36
N ARG B 333 5.74 1.55 14.69
CA ARG B 333 7.13 1.53 15.15
C ARG B 333 7.83 2.77 14.62
N ALA B 334 8.26 3.64 15.53
CA ALA B 334 8.92 4.88 15.17
C ALA B 334 10.40 4.82 15.52
N ALA B 335 11.20 5.61 14.81
CA ALA B 335 12.64 5.64 15.02
C ALA B 335 13.14 7.06 14.79
N ILE B 336 14.41 7.28 15.15
CA ILE B 336 15.07 8.57 14.98
C ILE B 336 16.32 8.35 14.14
N LYS B 337 16.46 9.13 13.07
CA LYS B 337 17.67 9.08 12.26
C LYS B 337 18.79 9.87 12.93
N LEU B 338 19.99 9.31 12.91
CA LEU B 338 21.15 9.97 13.50
C LEU B 338 22.07 10.53 12.42
N SFG D . -3.10 8.75 6.79
CA SFG D . -3.93 8.39 5.67
C SFG D . -5.38 8.62 6.02
O SFG D . -5.67 9.65 6.65
OXT SFG D . -6.24 7.78 5.68
CB SFG D . -3.66 6.94 5.28
CG SFG D . -4.06 6.66 3.84
CD SFG D . -4.05 5.17 3.52
NE SFG D . -4.15 4.41 4.75
C5' SFG D . -2.78 4.83 2.77
C4' SFG D . -2.58 5.77 1.59
O4' SFG D . -1.23 5.66 1.14
C3' SFG D . -3.49 5.45 0.41
O3' SFG D . -4.20 6.60 -0.01
C2' SFG D . -2.56 4.98 -0.70
O2' SFG D . -2.94 5.58 -1.94
C1' SFG D . -1.18 5.45 -0.27
N9 SFG D . -0.17 4.41 -0.59
C8 SFG D . -0.20 3.14 -0.15
N7 SFG D . 0.87 2.45 -0.62
C5 SFG D . 1.59 3.28 -1.39
C6 SFG D . 2.83 3.19 -2.19
N6 SFG D . 3.53 2.03 -2.27
N1 SFG D . 3.24 4.30 -2.84
C2 SFG D . 2.55 5.45 -2.77
N3 SFG D . 1.42 5.60 -2.07
C4 SFG D . 0.90 4.57 -1.36
#